data_4ESK
#
_entry.id   4ESK
#
_cell.length_a   62.141
_cell.length_b   73.121
_cell.length_c   90.609
_cell.angle_alpha   90.000
_cell.angle_beta   90.000
_cell.angle_gamma   90.000
#
_symmetry.space_group_name_H-M   'P 21 21 21'
#
loop_
_entity.id
_entity.type
_entity.pdbx_description
1 polymer 'Leukocyte-associated immunoglobulin-like receptor 1'
2 non-polymer GLYCEROL
3 non-polymer 'POTASSIUM ION'
4 non-polymer 'SODIUM ION'
5 water water
#
_entity_poly.entity_id   1
_entity_poly.type   'polypeptide(L)'
_entity_poly.pdbx_seq_one_letter_code
;SMQEGSLPDITIFPNSSLMISQGTFVTVVCSYSDKHDLYNMVRLEKDGSTFMEKSTEPYKTEDEFEIGPVNETITGHYSC
IYSKGITWSERSKTLELKVIKE
;
_entity_poly.pdbx_strand_id   A,B,C,D
#
loop_
_chem_comp.id
_chem_comp.type
_chem_comp.name
_chem_comp.formula
GOL non-polymer GLYCEROL 'C3 H8 O3'
K non-polymer 'POTASSIUM ION' 'K 1'
NA non-polymer 'SODIUM ION' 'Na 1'
#
# COMPACT_ATOMS: atom_id res chain seq x y z
N SER A 6 -15.22 8.80 5.91
CA SER A 6 -14.64 7.64 5.16
C SER A 6 -14.97 6.32 5.83
N LEU A 7 -14.97 5.26 5.04
CA LEU A 7 -15.06 3.90 5.55
C LEU A 7 -13.71 3.52 6.17
N PRO A 8 -13.68 2.46 7.00
CA PRO A 8 -12.41 1.99 7.55
C PRO A 8 -11.57 1.33 6.47
N ASP A 9 -10.29 1.15 6.76
CA ASP A 9 -9.37 0.47 5.85
C ASP A 9 -8.70 -0.66 6.63
N ILE A 10 -8.13 -1.59 5.88
CA ILE A 10 -7.35 -2.68 6.43
C ILE A 10 -6.08 -2.83 5.59
N THR A 11 -4.98 -3.09 6.28
CA THR A 11 -3.69 -3.40 5.68
C THR A 11 -3.09 -4.60 6.40
N ILE A 12 -2.58 -5.57 5.66
CA ILE A 12 -1.97 -6.76 6.28
C ILE A 12 -0.49 -6.88 5.89
N PHE A 13 0.33 -7.22 6.86
CA PHE A 13 1.74 -7.57 6.65
C PHE A 13 1.97 -9.02 7.10
N PRO A 14 2.90 -9.74 6.42
CA PRO A 14 3.69 -9.29 5.29
C PRO A 14 2.88 -9.27 4.00
N ASN A 15 3.18 -8.35 3.09
CA ASN A 15 2.38 -8.24 1.87
C ASN A 15 3.19 -8.30 0.60
N SER A 16 4.38 -8.86 0.70
CA SER A 16 5.30 -8.93 -0.44
CA SER A 16 5.28 -8.92 -0.46
C SER A 16 5.06 -10.15 -1.35
N SER A 17 4.13 -11.04 -0.99
CA SER A 17 3.83 -12.23 -1.78
CA SER A 17 3.83 -12.21 -1.80
C SER A 17 2.34 -12.27 -2.11
N LEU A 18 2.03 -12.19 -3.40
CA LEU A 18 0.67 -12.10 -3.88
C LEU A 18 0.22 -13.35 -4.62
N MET A 19 -1.04 -13.71 -4.42
CA MET A 19 -1.71 -14.77 -5.15
C MET A 19 -2.54 -14.13 -6.27
N ILE A 20 -2.45 -14.72 -7.46
CA ILE A 20 -3.01 -14.17 -8.67
C ILE A 20 -3.70 -15.34 -9.38
N SER A 21 -4.95 -15.19 -9.77
CA SER A 21 -5.65 -16.25 -10.51
C SER A 21 -5.19 -16.32 -11.97
N GLN A 22 -5.00 -17.52 -12.50
CA GLN A 22 -4.74 -17.69 -13.94
C GLN A 22 -5.81 -16.94 -14.73
N GLY A 23 -5.39 -16.28 -15.81
CA GLY A 23 -6.28 -15.50 -16.65
C GLY A 23 -6.50 -14.07 -16.17
N THR A 24 -5.90 -13.72 -15.02
CA THR A 24 -5.99 -12.37 -14.45
C THR A 24 -5.17 -11.39 -15.29
N PHE A 25 -5.58 -10.13 -15.30
CA PHE A 25 -4.73 -9.05 -15.82
C PHE A 25 -4.04 -8.33 -14.65
N VAL A 26 -2.71 -8.36 -14.65
CA VAL A 26 -1.90 -7.72 -13.61
C VAL A 26 -1.40 -6.37 -14.13
N THR A 27 -1.30 -5.39 -13.23
CA THR A 27 -0.70 -4.10 -13.53
C THR A 27 0.43 -3.91 -12.55
N VAL A 28 1.63 -3.65 -13.08
CA VAL A 28 2.80 -3.40 -12.25
C VAL A 28 3.07 -1.90 -12.39
N VAL A 29 3.15 -1.19 -11.27
CA VAL A 29 3.37 0.25 -11.30
C VAL A 29 4.76 0.44 -10.68
N CYS A 30 5.73 0.77 -11.52
CA CYS A 30 7.04 1.18 -11.05
C CYS A 30 6.96 2.66 -10.77
N SER A 31 7.64 3.13 -9.73
CA SER A 31 7.60 4.54 -9.38
CA SER A 31 7.64 4.55 -9.48
C SER A 31 8.98 4.99 -8.91
N TYR A 32 9.33 6.25 -9.12
CA TYR A 32 10.55 6.75 -8.53
C TYR A 32 10.32 8.19 -8.13
N SER A 33 10.04 8.37 -6.85
CA SER A 33 9.88 9.68 -6.24
C SER A 33 11.21 10.42 -6.28
N ASP A 34 11.14 11.70 -6.58
CA ASP A 34 12.29 12.58 -6.35
C ASP A 34 13.28 12.53 -7.52
N LYS A 35 13.60 11.34 -8.03
CA LYS A 35 14.72 11.17 -8.96
C LYS A 35 14.35 10.72 -10.37
N HIS A 36 13.06 10.69 -10.69
CA HIS A 36 12.59 10.05 -11.92
C HIS A 36 13.20 10.65 -13.16
N ASP A 37 13.37 11.98 -13.17
CA ASP A 37 13.93 12.67 -14.35
C ASP A 37 15.36 12.28 -14.69
N LEU A 38 16.08 11.69 -13.75
CA LEU A 38 17.50 11.35 -13.96
C LEU A 38 17.70 10.09 -14.82
N TYR A 39 16.68 9.23 -14.88
CA TYR A 39 16.78 7.92 -15.53
C TYR A 39 15.89 7.92 -16.75
N ASN A 40 16.37 7.38 -17.86
CA ASN A 40 15.62 7.38 -19.11
C ASN A 40 15.06 6.01 -19.53
N MET A 41 15.43 4.96 -18.80
CA MET A 41 14.90 3.62 -19.01
C MET A 41 14.35 3.05 -17.71
N VAL A 42 13.31 2.24 -17.85
CA VAL A 42 12.79 1.49 -16.72
C VAL A 42 12.54 0.06 -17.17
N ARG A 43 12.96 -0.87 -16.33
CA ARG A 43 12.77 -2.28 -16.62
C ARG A 43 12.15 -3.03 -15.46
N LEU A 44 11.31 -3.96 -15.83
CA LEU A 44 10.76 -4.91 -14.89
C LEU A 44 11.64 -6.12 -14.97
N GLU A 45 12.29 -6.44 -13.86
CA GLU A 45 13.14 -7.62 -13.73
C GLU A 45 12.31 -8.74 -13.13
N LYS A 46 12.40 -9.93 -13.71
CA LYS A 46 11.75 -11.13 -13.15
C LYS A 46 12.80 -12.20 -12.98
N ASP A 47 12.94 -12.71 -11.75
CA ASP A 47 13.85 -13.83 -11.44
C ASP A 47 15.28 -13.57 -11.94
N GLY A 48 15.78 -12.37 -11.71
CA GLY A 48 17.14 -12.00 -12.09
C GLY A 48 17.40 -11.60 -13.54
N SER A 49 16.39 -11.56 -14.41
CA SER A 49 16.60 -11.09 -15.78
CA SER A 49 16.56 -11.15 -15.81
C SER A 49 15.52 -10.12 -16.24
N THR A 50 15.86 -9.35 -17.29
CA THR A 50 14.94 -8.38 -17.83
C THR A 50 13.70 -9.07 -18.40
N PHE A 51 12.55 -8.67 -17.90
CA PHE A 51 11.26 -9.20 -18.34
C PHE A 51 10.60 -8.29 -19.37
N MET A 52 10.50 -7.00 -19.05
CA MET A 52 9.95 -6.00 -19.95
C MET A 52 10.73 -4.71 -19.69
N GLU A 53 10.87 -3.89 -20.72
CA GLU A 53 11.50 -2.58 -20.54
C GLU A 53 10.99 -1.54 -21.51
N LYS A 54 11.18 -0.29 -21.15
CA LYS A 54 10.77 0.82 -21.98
C LYS A 54 11.39 2.12 -21.49
N SER A 55 11.28 3.15 -22.33
CA SER A 55 11.67 4.50 -21.94
CA SER A 55 11.67 4.50 -21.95
C SER A 55 10.75 4.99 -20.85
N THR A 56 11.27 5.80 -19.94
CA THR A 56 10.47 6.36 -18.87
C THR A 56 9.48 7.44 -19.36
N GLU A 57 8.40 7.65 -18.60
CA GLU A 57 7.47 8.77 -18.86
C GLU A 57 8.13 10.14 -18.67
N PRO A 58 7.89 11.10 -19.58
CA PRO A 58 8.53 12.41 -19.43
C PRO A 58 8.01 13.23 -18.25
N TYR A 59 6.71 13.11 -17.96
CA TYR A 59 6.00 14.00 -17.00
C TYR A 59 5.22 13.28 -15.91
N LYS A 60 5.39 11.99 -15.74
CA LYS A 60 4.91 11.35 -14.51
C LYS A 60 5.97 10.47 -13.96
N THR A 61 5.88 10.21 -12.66
CA THR A 61 6.92 9.49 -11.94
C THR A 61 6.57 8.01 -11.79
N GLU A 62 5.46 7.59 -12.40
CA GLU A 62 5.08 6.19 -12.43
C GLU A 62 5.19 5.66 -13.85
N ASP A 63 5.58 4.40 -13.98
CA ASP A 63 5.75 3.71 -15.25
C ASP A 63 5.07 2.35 -15.11
N GLU A 64 4.06 2.09 -15.93
CA GLU A 64 3.23 0.91 -15.75
C GLU A 64 3.50 -0.15 -16.79
N PHE A 65 3.40 -1.40 -16.37
CA PHE A 65 3.53 -2.55 -17.25
C PHE A 65 2.27 -3.40 -17.06
N GLU A 66 1.45 -3.55 -18.10
CA GLU A 66 0.29 -4.41 -18.00
CA GLU A 66 0.28 -4.41 -18.03
C GLU A 66 0.67 -5.80 -18.46
N ILE A 67 0.37 -6.79 -17.63
CA ILE A 67 0.69 -8.18 -17.87
C ILE A 67 -0.60 -9.01 -17.74
N GLY A 68 -1.17 -9.41 -18.88
CA GLY A 68 -2.41 -10.16 -18.84
C GLY A 68 -2.85 -10.61 -20.22
N PRO A 69 -3.58 -11.74 -20.30
CA PRO A 69 -3.94 -12.64 -19.20
C PRO A 69 -2.79 -13.48 -18.70
N VAL A 70 -2.68 -13.63 -17.39
CA VAL A 70 -1.55 -14.37 -16.82
C VAL A 70 -1.72 -15.89 -16.87
N ASN A 71 -0.60 -16.56 -17.00
CA ASN A 71 -0.55 -18.00 -16.76
C ASN A 71 0.65 -18.37 -15.89
N GLU A 72 0.98 -19.66 -15.82
CA GLU A 72 2.02 -20.15 -14.93
CA GLU A 72 2.03 -20.12 -14.92
C GLU A 72 3.41 -19.54 -15.20
N THR A 73 3.65 -19.05 -16.42
CA THR A 73 4.92 -18.41 -16.76
C THR A 73 5.12 -17.08 -16.00
N ILE A 74 4.04 -16.56 -15.41
CA ILE A 74 4.11 -15.27 -14.71
C ILE A 74 4.51 -15.42 -13.23
N THR A 75 4.41 -16.62 -12.68
CA THR A 75 4.94 -16.88 -11.34
C THR A 75 6.42 -16.53 -11.21
N GLY A 76 6.76 -15.75 -10.18
CA GLY A 76 8.15 -15.32 -9.96
C GLY A 76 8.31 -14.08 -9.09
N HIS A 77 9.57 -13.61 -9.01
CA HIS A 77 9.95 -12.46 -8.19
C HIS A 77 10.24 -11.28 -9.07
N TYR A 78 9.68 -10.13 -8.72
CA TYR A 78 9.70 -8.96 -9.58
C TYR A 78 10.26 -7.75 -8.85
N SER A 79 11.04 -6.95 -9.58
CA SER A 79 11.50 -5.67 -9.08
CA SER A 79 11.57 -5.69 -9.09
C SER A 79 11.61 -4.69 -10.24
N CYS A 80 11.50 -3.40 -9.93
CA CYS A 80 11.66 -2.35 -10.94
C CYS A 80 13.10 -1.80 -10.86
N ILE A 81 13.74 -1.60 -12.01
CA ILE A 81 15.09 -0.99 -12.08
C ILE A 81 15.04 0.20 -13.03
N TYR A 82 15.46 1.36 -12.52
CA TYR A 82 15.56 2.56 -13.31
C TYR A 82 17.02 2.74 -13.67
N SER A 83 17.30 3.11 -14.91
CA SER A 83 18.69 3.25 -15.35
C SER A 83 18.92 4.40 -16.33
N LYS A 84 20.20 4.77 -16.44
CA LYS A 84 20.69 5.73 -17.43
C LYS A 84 22.05 5.18 -17.89
N GLY A 85 22.16 4.92 -19.18
CA GLY A 85 23.37 4.31 -19.73
C GLY A 85 23.63 2.95 -19.10
N ILE A 86 24.92 2.65 -18.92
CA ILE A 86 25.38 1.38 -18.37
C ILE A 86 25.83 1.49 -16.90
N THR A 87 25.97 2.72 -16.41
CA THR A 87 26.64 2.97 -15.14
C THR A 87 25.66 3.13 -13.99
N TRP A 88 24.55 3.78 -14.25
CA TRP A 88 23.64 4.20 -13.19
C TRP A 88 22.42 3.38 -13.20
N SER A 89 22.07 2.82 -12.05
CA SER A 89 20.79 2.15 -11.90
C SER A 89 20.42 1.96 -10.42
N GLU A 90 19.12 1.90 -10.17
CA GLU A 90 18.60 1.74 -8.82
C GLU A 90 17.41 0.83 -8.92
N ARG A 91 17.27 -0.02 -7.92
CA ARG A 91 16.24 -1.04 -7.91
C ARG A 91 15.29 -0.87 -6.74
N SER A 92 14.04 -1.27 -6.94
CA SER A 92 13.02 -1.32 -5.89
C SER A 92 13.11 -2.59 -5.04
N LYS A 93 12.24 -2.65 -4.03
CA LYS A 93 12.00 -3.91 -3.31
CA LYS A 93 11.99 -3.91 -3.31
C LYS A 93 11.52 -4.96 -4.30
N THR A 94 11.54 -6.21 -3.84
CA THR A 94 11.11 -7.33 -4.65
C THR A 94 9.75 -7.85 -4.17
N LEU A 95 8.85 -8.09 -5.11
CA LEU A 95 7.56 -8.69 -4.82
C LEU A 95 7.47 -10.05 -5.50
N GLU A 96 6.74 -10.95 -4.86
CA GLU A 96 6.56 -12.31 -5.40
C GLU A 96 5.14 -12.48 -5.88
N LEU A 97 4.99 -13.02 -7.09
CA LEU A 97 3.67 -13.43 -7.57
C LEU A 97 3.60 -14.93 -7.69
N LYS A 98 2.45 -15.49 -7.29
CA LYS A 98 2.19 -16.90 -7.49
C LYS A 98 0.84 -17.02 -8.20
N VAL A 99 0.87 -17.59 -9.41
CA VAL A 99 -0.31 -17.72 -10.24
C VAL A 99 -0.91 -19.09 -9.95
N ILE A 100 -2.21 -19.12 -9.65
CA ILE A 100 -2.87 -20.39 -9.27
C ILE A 100 -3.98 -20.80 -10.23
N LYS A 101 -4.04 -22.11 -10.49
CA LYS A 101 -5.03 -22.75 -11.38
C LYS A 101 -6.01 -23.56 -10.54
N SER B 6 -18.56 -7.06 -3.55
CA SER B 6 -17.31 -6.66 -2.81
C SER B 6 -17.10 -5.13 -2.77
N LEU B 7 -16.57 -4.67 -1.63
CA LEU B 7 -16.35 -3.24 -1.39
C LEU B 7 -15.08 -2.82 -2.12
N PRO B 8 -15.15 -1.74 -2.92
CA PRO B 8 -13.99 -1.28 -3.67
C PRO B 8 -12.89 -0.66 -2.85
N ASP B 9 -11.76 -0.48 -3.51
CA ASP B 9 -10.61 0.20 -2.94
C ASP B 9 -10.15 1.27 -3.91
N ILE B 10 -9.35 2.18 -3.40
CA ILE B 10 -8.78 3.25 -4.17
C ILE B 10 -7.33 3.39 -3.78
N THR B 11 -6.47 3.59 -4.79
CA THR B 11 -5.04 3.84 -4.58
C THR B 11 -4.71 5.02 -5.49
N ILE B 12 -3.97 6.01 -4.97
CA ILE B 12 -3.60 7.18 -5.77
C ILE B 12 -2.09 7.29 -5.84
N PHE B 13 -1.57 7.51 -7.05
CA PHE B 13 -0.15 7.73 -7.27
C PHE B 13 0.03 9.17 -7.78
N PRO B 14 1.11 9.84 -7.36
CA PRO B 14 2.17 9.34 -6.46
C PRO B 14 1.69 9.34 -5.01
N ASN B 15 2.15 8.36 -4.23
CA ASN B 15 1.71 8.26 -2.84
C ASN B 15 2.85 8.30 -1.82
N SER B 16 3.96 8.90 -2.23
CA SER B 16 5.16 8.92 -1.41
CA SER B 16 5.15 8.93 -1.38
C SER B 16 5.24 10.15 -0.48
N SER B 17 4.26 11.06 -0.56
CA SER B 17 4.20 12.22 0.33
C SER B 17 2.85 12.29 1.04
N LEU B 18 2.87 12.28 2.37
CA LEU B 18 1.65 12.21 3.14
C LEU B 18 1.49 13.48 3.96
N MET B 19 0.26 13.94 4.08
CA MET B 19 -0.02 15.01 5.04
CA MET B 19 -0.06 15.03 5.01
C MET B 19 -0.46 14.41 6.36
N ILE B 20 0.00 15.01 7.46
CA ILE B 20 -0.29 14.51 8.78
C ILE B 20 -0.77 15.66 9.66
N SER B 21 -1.85 15.44 10.39
CA SER B 21 -2.41 16.48 11.27
C SER B 21 -1.56 16.68 12.50
N GLN B 22 -1.29 17.95 12.81
CA GLN B 22 -0.67 18.32 14.09
C GLN B 22 -1.40 17.65 15.24
N GLY B 23 -0.63 17.12 16.17
CA GLY B 23 -1.16 16.58 17.40
C GLY B 23 -1.59 15.14 17.36
N THR B 24 -1.41 14.49 16.21
CA THR B 24 -1.82 13.10 16.07
C THR B 24 -0.62 12.16 16.11
N PHE B 25 -0.93 10.87 16.24
CA PHE B 25 0.08 9.80 16.26
C PHE B 25 0.29 9.16 14.88
N VAL B 26 1.56 8.92 14.56
CA VAL B 26 1.97 8.28 13.31
C VAL B 26 2.57 6.92 13.63
N THR B 27 2.20 5.90 12.85
CA THR B 27 2.77 4.56 13.02
C THR B 27 3.58 4.30 11.78
N VAL B 28 4.87 4.00 11.98
CA VAL B 28 5.75 3.62 10.89
C VAL B 28 6.01 2.13 11.00
N VAL B 29 5.76 1.39 9.91
CA VAL B 29 6.05 -0.03 9.83
C VAL B 29 7.22 -0.26 8.87
N CYS B 30 8.35 -0.68 9.44
CA CYS B 30 9.53 -1.07 8.67
C CYS B 30 9.39 -2.56 8.43
N SER B 31 9.86 -3.03 7.30
CA SER B 31 9.80 -4.45 7.04
C SER B 31 10.94 -4.94 6.16
N TYR B 32 11.23 -6.23 6.27
CA TYR B 32 12.11 -6.93 5.34
C TYR B 32 11.40 -8.16 4.78
N SER B 33 11.97 -8.76 3.76
CA SER B 33 11.24 -9.77 2.99
C SER B 33 11.34 -11.18 3.54
N ASP B 34 12.42 -11.51 4.24
CA ASP B 34 12.69 -12.91 4.62
C ASP B 34 12.94 -13.05 6.11
N LYS B 35 12.12 -13.84 6.80
CA LYS B 35 12.29 -14.00 8.25
C LYS B 35 13.65 -14.60 8.64
N HIS B 36 14.34 -15.21 7.67
CA HIS B 36 15.68 -15.77 7.90
C HIS B 36 16.79 -14.76 7.86
N ASP B 37 16.47 -13.54 7.41
CA ASP B 37 17.41 -12.41 7.48
C ASP B 37 17.81 -12.17 8.92
N LEU B 38 19.09 -11.89 9.12
CA LEU B 38 19.66 -11.73 10.44
CA LEU B 38 19.67 -11.73 10.44
C LEU B 38 19.91 -10.25 10.68
N TYR B 39 18.90 -9.57 11.22
CA TYR B 39 19.03 -8.19 11.61
C TYR B 39 18.76 -8.11 13.09
N ASN B 40 19.65 -7.43 13.79
CA ASN B 40 19.52 -7.24 15.22
C ASN B 40 19.01 -5.84 15.60
N MET B 41 19.19 -4.85 14.71
CA MET B 41 18.77 -3.47 14.96
C MET B 41 18.03 -2.89 13.76
N VAL B 42 17.06 -2.02 14.03
CA VAL B 42 16.35 -1.33 12.96
C VAL B 42 16.39 0.15 13.26
N ARG B 43 16.62 0.94 12.23
CA ARG B 43 16.75 2.39 12.38
C ARG B 43 15.76 3.08 11.47
N LEU B 44 15.07 4.06 12.02
CA LEU B 44 14.26 4.98 11.26
C LEU B 44 15.14 6.20 11.02
N GLU B 45 15.39 6.49 9.75
CA GLU B 45 16.19 7.62 9.36
C GLU B 45 15.27 8.78 9.01
N LYS B 46 15.68 9.99 9.38
CA LYS B 46 14.96 11.17 8.95
C LYS B 46 15.93 12.17 8.36
N ASP B 47 15.68 12.59 7.11
CA ASP B 47 16.53 13.58 6.45
C ASP B 47 17.99 13.22 6.53
N GLY B 48 18.28 11.93 6.39
CA GLY B 48 19.65 11.43 6.31
C GLY B 48 20.35 11.21 7.65
N SER B 49 19.63 11.35 8.75
CA SER B 49 20.18 11.13 10.09
C SER B 49 19.36 10.14 10.89
N THR B 50 19.96 9.58 11.92
CA THR B 50 19.21 8.68 12.79
C THR B 50 18.13 9.41 13.55
N PHE B 51 16.90 8.93 13.45
CA PHE B 51 15.76 9.53 14.10
C PHE B 51 15.36 8.70 15.34
N MET B 52 15.16 7.41 15.13
CA MET B 52 14.87 6.47 16.21
CA MET B 52 14.87 6.47 16.21
C MET B 52 15.52 5.15 15.86
N GLU B 53 15.87 4.37 16.87
CA GLU B 53 16.40 3.05 16.61
C GLU B 53 16.05 2.12 17.76
N LYS B 54 15.92 0.84 17.45
CA LYS B 54 15.69 -0.16 18.46
C LYS B 54 16.07 -1.55 17.99
N SER B 55 16.07 -2.47 18.92
CA SER B 55 16.28 -3.88 18.62
CA SER B 55 16.28 -3.88 18.62
C SER B 55 15.13 -4.37 17.75
N THR B 56 15.43 -5.22 16.79
CA THR B 56 14.39 -5.89 16.03
C THR B 56 13.65 -6.89 16.94
N GLU B 57 12.41 -7.22 16.54
CA GLU B 57 11.66 -8.35 17.06
C GLU B 57 11.60 -9.40 15.96
N PRO B 58 12.53 -10.37 15.95
CA PRO B 58 12.69 -11.19 14.73
C PRO B 58 11.57 -12.18 14.43
N TYR B 59 10.64 -12.36 15.37
CA TYR B 59 9.55 -13.32 15.14
C TYR B 59 8.65 -12.91 13.97
N LYS B 60 8.71 -11.64 13.60
CA LYS B 60 7.97 -11.13 12.42
C LYS B 60 8.92 -10.30 11.59
N THR B 61 8.60 -10.14 10.30
CA THR B 61 9.49 -9.42 9.38
C THR B 61 9.18 -7.91 9.42
N GLU B 62 8.32 -7.49 10.36
CA GLU B 62 7.98 -6.08 10.55
C GLU B 62 8.49 -5.54 11.86
N ASP B 63 8.79 -4.25 11.90
CA ASP B 63 9.14 -3.57 13.16
C ASP B 63 8.51 -2.20 13.13
N GLU B 64 7.93 -1.76 14.24
CA GLU B 64 7.11 -0.55 14.23
C GLU B 64 7.66 0.51 15.13
N PHE B 65 7.52 1.76 14.68
CA PHE B 65 7.84 2.93 15.47
C PHE B 65 6.57 3.76 15.60
N GLU B 66 6.29 4.27 16.79
CA GLU B 66 5.22 5.25 16.97
CA GLU B 66 5.22 5.25 16.98
C GLU B 66 5.85 6.63 17.09
N ILE B 67 5.31 7.59 16.37
CA ILE B 67 5.83 8.93 16.45
C ILE B 67 4.68 9.82 16.88
N GLY B 68 4.91 10.61 17.92
CA GLY B 68 4.00 11.70 18.24
C GLY B 68 3.62 11.75 19.71
N PRO B 69 2.63 12.59 20.06
CA PRO B 69 1.83 13.41 19.13
C PRO B 69 2.71 14.34 18.30
N VAL B 70 2.43 14.48 17.01
CA VAL B 70 3.38 15.19 16.14
C VAL B 70 3.27 16.72 16.20
N ASN B 71 4.40 17.36 15.96
CA ASN B 71 4.41 18.80 15.63
C ASN B 71 5.20 19.05 14.35
N GLU B 72 5.46 20.32 14.05
CA GLU B 72 6.16 20.72 12.83
CA GLU B 72 6.14 20.69 12.80
C GLU B 72 7.51 20.02 12.63
N THR B 73 8.16 19.66 13.74
CA THR B 73 9.51 19.04 13.70
C THR B 73 9.50 17.69 12.97
N ILE B 74 8.32 17.09 12.85
CA ILE B 74 8.19 15.76 12.28
C ILE B 74 8.14 15.82 10.74
N THR B 75 7.85 16.98 10.15
CA THR B 75 7.97 17.17 8.71
C THR B 75 9.35 16.78 8.21
N GLY B 76 9.41 15.95 7.17
CA GLY B 76 10.69 15.46 6.70
C GLY B 76 10.58 14.19 5.87
N HIS B 77 11.72 13.63 5.54
CA HIS B 77 11.82 12.44 4.71
C HIS B 77 12.33 11.29 5.51
N TYR B 78 11.65 10.16 5.40
CA TYR B 78 11.90 9.00 6.26
C TYR B 78 12.20 7.73 5.47
N SER B 79 13.09 6.91 6.02
CA SER B 79 13.37 5.60 5.47
C SER B 79 13.77 4.68 6.60
N CYS B 80 13.61 3.37 6.34
CA CYS B 80 14.01 2.31 7.27
C CYS B 80 15.32 1.68 6.82
N ILE B 81 16.19 1.37 7.76
CA ILE B 81 17.40 0.66 7.44
C ILE B 81 17.68 -0.33 8.54
N TYR B 82 18.20 -1.49 8.16
CA TYR B 82 18.40 -2.57 9.13
C TYR B 82 19.89 -2.89 9.27
N SER B 83 20.31 -3.35 10.44
CA SER B 83 21.70 -3.73 10.61
C SER B 83 21.88 -5.09 11.24
N LYS B 84 22.95 -5.75 10.82
CA LYS B 84 23.46 -6.96 11.45
C LYS B 84 24.91 -6.65 11.76
N GLY B 85 25.27 -6.69 13.04
CA GLY B 85 26.62 -6.34 13.46
C GLY B 85 26.96 -4.90 13.10
N ILE B 86 28.04 -4.72 12.36
CA ILE B 86 28.45 -3.41 11.87
C ILE B 86 27.95 -3.19 10.43
N THR B 87 27.32 -4.22 9.86
CA THR B 87 26.82 -4.19 8.49
C THR B 87 25.41 -3.60 8.44
N TRP B 88 25.19 -2.68 7.49
CA TRP B 88 23.86 -2.14 7.24
C TRP B 88 23.28 -2.74 6.01
N SER B 89 21.99 -2.96 6.02
CA SER B 89 21.28 -3.36 4.82
C SER B 89 21.17 -2.14 3.92
N GLU B 90 20.62 -2.33 2.72
CA GLU B 90 20.19 -1.20 1.91
CA GLU B 90 20.20 -1.20 1.92
C GLU B 90 19.03 -0.58 2.67
N ARG B 91 18.74 0.68 2.41
CA ARG B 91 17.56 1.31 3.03
C ARG B 91 16.35 1.04 2.18
N SER B 92 15.17 1.22 2.78
CA SER B 92 13.94 1.22 2.02
C SER B 92 13.83 2.46 1.12
N LYS B 93 12.79 2.49 0.30
CA LYS B 93 12.37 3.73 -0.34
CA LYS B 93 12.34 3.72 -0.34
C LYS B 93 12.09 4.80 0.72
N THR B 94 11.96 6.03 0.30
CA THR B 94 11.77 7.16 1.18
C THR B 94 10.34 7.69 1.10
N LEU B 95 9.74 7.97 2.25
CA LEU B 95 8.42 8.59 2.33
C LEU B 95 8.57 9.97 2.98
N GLU B 96 7.80 10.93 2.48
CA GLU B 96 7.82 12.29 3.01
C GLU B 96 6.58 12.50 3.88
N LEU B 97 6.76 13.16 5.03
CA LEU B 97 5.66 13.58 5.89
C LEU B 97 5.64 15.10 5.90
N LYS B 98 4.45 15.68 5.81
CA LYS B 98 4.32 17.11 5.99
C LYS B 98 3.25 17.33 7.05
N VAL B 99 3.61 17.99 8.15
CA VAL B 99 2.68 18.17 9.26
C VAL B 99 1.95 19.50 9.09
N ILE B 100 0.62 19.43 9.09
CA ILE B 100 -0.23 20.57 8.83
C ILE B 100 -1.08 20.93 10.06
N LYS B 101 -1.20 22.22 10.34
CA LYS B 101 -2.00 22.69 11.47
C LYS B 101 -3.49 22.72 11.11
N GLY C 5 19.28 9.75 -1.17
CA GLY C 5 19.23 8.28 -0.93
C GLY C 5 17.89 7.67 -1.34
N SER C 6 17.10 8.43 -2.11
CA SER C 6 15.77 7.97 -2.55
CA SER C 6 15.78 7.99 -2.58
C SER C 6 15.90 6.81 -3.53
N LEU C 7 15.07 5.78 -3.35
CA LEU C 7 15.06 4.56 -4.20
C LEU C 7 13.67 4.34 -4.80
N PRO C 8 13.59 3.56 -5.90
CA PRO C 8 12.30 3.34 -6.55
C PRO C 8 11.43 2.40 -5.74
N ASP C 9 10.16 2.37 -6.11
CA ASP C 9 9.17 1.52 -5.51
C ASP C 9 8.46 0.70 -6.60
N ILE C 10 7.75 -0.32 -6.15
CA ILE C 10 6.97 -1.18 -7.05
C ILE C 10 5.65 -1.47 -6.34
N THR C 11 4.55 -1.42 -7.08
CA THR C 11 3.22 -1.80 -6.59
C THR C 11 2.59 -2.70 -7.64
N ILE C 12 1.99 -3.82 -7.21
CA ILE C 12 1.36 -4.72 -8.16
C ILE C 12 -0.11 -4.84 -7.82
N PHE C 13 -0.94 -4.77 -8.87
CA PHE C 13 -2.38 -4.99 -8.76
C PHE C 13 -2.75 -6.20 -9.62
N PRO C 14 -3.75 -6.99 -9.19
CA PRO C 14 -4.48 -6.86 -7.92
C PRO C 14 -3.62 -7.28 -6.71
N ASN C 15 -3.81 -6.62 -5.58
CA ASN C 15 -3.01 -6.94 -4.39
C ASN C 15 -3.86 -7.31 -3.18
N SER C 16 -5.09 -7.74 -3.42
CA SER C 16 -5.98 -8.06 -2.33
C SER C 16 -5.93 -9.53 -1.88
N SER C 17 -5.11 -10.35 -2.54
CA SER C 17 -4.91 -11.74 -2.13
C SER C 17 -3.43 -12.00 -1.83
N LEU C 18 -3.14 -12.32 -0.57
CA LEU C 18 -1.75 -12.49 -0.10
CA LEU C 18 -1.77 -12.49 -0.12
C LEU C 18 -1.48 -13.96 0.16
N MET C 19 -0.26 -14.37 -0.18
CA MET C 19 0.26 -15.70 0.10
CA MET C 19 0.24 -15.72 0.11
C MET C 19 1.08 -15.62 1.39
N ILE C 20 0.83 -16.52 2.34
CA ILE C 20 1.46 -16.52 3.65
C ILE C 20 1.96 -17.94 3.95
N SER C 21 3.21 -18.08 4.40
CA SER C 21 3.74 -19.38 4.77
CA SER C 21 3.73 -19.39 4.76
C SER C 21 3.28 -19.80 6.16
N GLN C 22 3.03 -21.10 6.32
CA GLN C 22 2.75 -21.63 7.66
C GLN C 22 3.88 -21.22 8.60
N GLY C 23 3.52 -20.80 9.80
CA GLY C 23 4.48 -20.39 10.84
C GLY C 23 4.71 -18.89 10.90
N THR C 24 4.19 -18.17 9.92
CA THR C 24 4.35 -16.69 9.85
C THR C 24 3.57 -16.00 10.95
N PHE C 25 4.08 -14.85 11.42
CA PHE C 25 3.27 -13.93 12.22
C PHE C 25 2.75 -12.80 11.35
N VAL C 26 1.43 -12.74 11.25
CA VAL C 26 0.77 -11.72 10.45
C VAL C 26 0.42 -10.50 11.32
N THR C 27 0.60 -9.29 10.81
CA THR C 27 0.10 -8.10 11.48
C THR C 27 -1.00 -7.45 10.63
N VAL C 28 -2.17 -7.25 11.23
CA VAL C 28 -3.28 -6.53 10.61
C VAL C 28 -3.38 -5.14 11.21
N VAL C 29 -3.39 -4.13 10.35
CA VAL C 29 -3.55 -2.76 10.79
C VAL C 29 -4.93 -2.32 10.29
N CYS C 30 -5.86 -2.12 11.21
CA CYS C 30 -7.14 -1.51 10.91
C CYS C 30 -6.98 -0.01 11.08
N SER C 31 -7.63 0.77 10.22
CA SER C 31 -7.56 2.22 10.28
CA SER C 31 -7.58 2.22 10.34
CA SER C 31 -7.54 2.23 10.24
C SER C 31 -8.95 2.81 10.11
N TYR C 32 -9.23 3.91 10.80
CA TYR C 32 -10.52 4.56 10.64
C TYR C 32 -10.34 6.06 10.84
N SER C 33 -10.32 6.79 9.73
CA SER C 33 -10.03 8.21 9.73
C SER C 33 -11.22 9.04 10.21
N ASP C 34 -12.43 8.64 9.81
CA ASP C 34 -13.62 9.44 10.11
C ASP C 34 -13.94 9.52 11.61
N LYS C 35 -14.59 8.49 12.14
CA LYS C 35 -15.26 8.58 13.44
C LYS C 35 -14.74 7.57 14.46
N HIS C 36 -13.45 7.23 14.38
CA HIS C 36 -12.82 6.28 15.32
C HIS C 36 -13.22 6.54 16.75
N ASP C 37 -13.17 7.81 17.16
CA ASP C 37 -13.38 8.13 18.57
CA ASP C 37 -13.41 8.21 18.54
C ASP C 37 -14.80 7.83 19.08
N LEU C 38 -15.78 7.67 18.17
CA LEU C 38 -17.15 7.33 18.60
C LEU C 38 -17.29 5.86 18.98
N TYR C 39 -16.38 5.01 18.52
CA TYR C 39 -16.50 3.57 18.76
C TYR C 39 -15.54 3.16 19.84
N ASN C 40 -15.86 2.11 20.56
CA ASN C 40 -14.95 1.63 21.60
C ASN C 40 -14.44 0.19 21.43
N MET C 41 -14.90 -0.50 20.38
CA MET C 41 -14.40 -1.82 20.06
C MET C 41 -14.02 -1.87 18.59
N VAL C 42 -12.94 -2.60 18.32
CA VAL C 42 -12.55 -2.92 16.96
C VAL C 42 -12.50 -4.44 16.77
N ARG C 43 -13.02 -4.90 15.65
CA ARG C 43 -13.17 -6.30 15.36
C ARG C 43 -12.52 -6.64 14.03
N LEU C 44 -11.66 -7.65 14.07
CA LEU C 44 -11.13 -8.27 12.88
C LEU C 44 -12.08 -9.38 12.51
N GLU C 45 -12.68 -9.27 11.34
CA GLU C 45 -13.62 -10.26 10.85
C GLU C 45 -12.95 -11.22 9.91
N LYS C 46 -13.30 -12.49 10.01
CA LYS C 46 -12.83 -13.47 9.06
C LYS C 46 -14.05 -14.14 8.46
N ASP C 47 -14.15 -14.13 7.13
CA ASP C 47 -15.27 -14.76 6.42
C ASP C 47 -16.63 -14.35 7.01
N GLY C 48 -16.80 -13.07 7.29
CA GLY C 48 -18.11 -12.53 7.72
C GLY C 48 -18.40 -12.53 9.20
N SER C 49 -17.51 -13.10 10.02
CA SER C 49 -17.73 -13.13 11.48
C SER C 49 -16.52 -12.63 12.23
N THR C 50 -16.76 -12.02 13.40
CA THR C 50 -15.67 -11.53 14.24
C THR C 50 -14.73 -12.71 14.48
N PHE C 51 -13.45 -12.46 14.28
CA PHE C 51 -12.36 -13.42 14.47
C PHE C 51 -11.55 -13.03 15.70
N MET C 52 -11.22 -11.75 15.83
CA MET C 52 -10.54 -11.20 17.00
C MET C 52 -11.18 -9.87 17.31
N GLU C 53 -11.21 -9.49 18.59
CA GLU C 53 -11.73 -8.17 18.93
C GLU C 53 -10.99 -7.63 20.12
N LYS C 54 -10.95 -6.31 20.22
CA LYS C 54 -10.32 -5.64 21.33
C LYS C 54 -10.86 -4.23 21.44
N SER C 55 -10.55 -3.58 22.56
CA SER C 55 -10.92 -2.19 22.73
CA SER C 55 -10.91 -2.18 22.73
C SER C 55 -10.11 -1.36 21.74
N THR C 56 -10.71 -0.28 21.24
CA THR C 56 -9.98 0.62 20.36
C THR C 56 -8.93 1.34 21.16
N GLU C 57 -7.87 1.77 20.48
CA GLU C 57 -6.87 2.66 21.05
C GLU C 57 -7.49 4.04 21.13
N PRO C 58 -7.52 4.67 22.30
CA PRO C 58 -8.16 5.98 22.32
C PRO C 58 -7.35 7.10 21.60
N TYR C 59 -6.03 6.93 21.52
CA TYR C 59 -5.14 8.02 21.10
C TYR C 59 -4.76 8.02 19.59
N LYS C 60 -5.17 7.01 18.85
CA LYS C 60 -4.81 6.94 17.44
C LYS C 60 -5.92 6.32 16.63
N THR C 61 -5.85 6.50 15.32
CA THR C 61 -6.87 5.99 14.42
C THR C 61 -6.53 4.60 13.87
N GLU C 62 -5.38 4.03 14.28
CA GLU C 62 -4.99 2.68 13.85
C GLU C 62 -5.11 1.69 15.02
N ASP C 63 -5.55 0.47 14.70
CA ASP C 63 -5.60 -0.59 15.71
C ASP C 63 -4.97 -1.82 15.10
N GLU C 64 -4.20 -2.55 15.89
CA GLU C 64 -3.45 -3.67 15.33
C GLU C 64 -3.82 -5.00 15.95
N PHE C 65 -3.86 -6.02 15.08
CA PHE C 65 -4.03 -7.39 15.50
C PHE C 65 -2.80 -8.18 15.04
N GLU C 66 -2.36 -9.13 15.87
CA GLU C 66 -1.29 -10.02 15.48
C GLU C 66 -1.86 -11.43 15.42
N ILE C 67 -1.59 -12.15 14.33
CA ILE C 67 -2.06 -13.54 14.17
C ILE C 67 -0.85 -14.43 13.94
N GLY C 68 -0.58 -15.37 14.84
CA GLY C 68 0.48 -16.32 14.55
C GLY C 68 0.82 -17.24 15.69
N PRO C 69 1.65 -18.25 15.42
CA PRO C 69 2.18 -18.65 14.13
C PRO C 69 1.07 -19.23 13.29
N VAL C 70 0.90 -18.76 12.06
CA VAL C 70 -0.31 -19.14 11.32
C VAL C 70 -0.27 -20.61 10.87
N ASN C 71 -1.46 -21.20 10.77
CA ASN C 71 -1.64 -22.51 10.19
C ASN C 71 -2.75 -22.41 9.15
N GLU C 72 -3.12 -23.53 8.55
CA GLU C 72 -4.04 -23.54 7.43
C GLU C 72 -5.42 -22.98 7.77
N THR C 73 -5.81 -22.96 9.04
CA THR C 73 -7.12 -22.45 9.41
C THR C 73 -7.20 -20.94 9.20
N ILE C 74 -6.06 -20.29 9.08
CA ILE C 74 -6.01 -18.82 8.87
C ILE C 74 -6.42 -18.38 7.46
N THR C 75 -6.40 -19.29 6.50
CA THR C 75 -6.84 -19.02 5.14
C THR C 75 -8.27 -18.50 5.19
N GLY C 76 -8.50 -17.36 4.56
CA GLY C 76 -9.81 -16.75 4.51
C GLY C 76 -9.81 -15.28 4.14
N HIS C 77 -10.97 -14.65 4.31
CA HIS C 77 -11.18 -13.24 3.91
C HIS C 77 -11.37 -12.38 5.13
N TYR C 78 -10.56 -11.34 5.23
CA TYR C 78 -10.49 -10.50 6.42
C TYR C 78 -10.93 -9.07 6.15
N SER C 79 -11.59 -8.49 7.14
CA SER C 79 -12.00 -7.10 7.10
C SER C 79 -12.04 -6.52 8.52
N CYS C 80 -12.03 -5.19 8.64
CA CYS C 80 -12.10 -4.49 9.92
C CYS C 80 -13.48 -3.85 10.08
N ILE C 81 -14.03 -3.94 11.28
CA ILE C 81 -15.27 -3.23 11.59
C ILE C 81 -15.19 -2.73 13.03
N TYR C 82 -15.90 -1.63 13.29
CA TYR C 82 -15.86 -0.95 14.58
C TYR C 82 -17.24 -0.98 15.22
N SER C 83 -17.30 -1.01 16.54
CA SER C 83 -18.60 -1.06 17.21
C SER C 83 -18.62 -0.33 18.55
N LYS C 84 -19.83 0.01 18.98
CA LYS C 84 -20.06 0.46 20.36
C LYS C 84 -21.46 -0.02 20.70
N GLY C 85 -21.59 -0.85 21.73
CA GLY C 85 -22.87 -1.46 22.05
C GLY C 85 -23.34 -2.22 20.84
N ILE C 86 -24.56 -1.96 20.39
CA ILE C 86 -25.06 -2.60 19.17
C ILE C 86 -25.00 -1.69 17.94
N THR C 87 -24.27 -0.57 18.01
CA THR C 87 -24.05 0.26 16.83
C THR C 87 -22.74 -0.19 16.17
N TRP C 88 -22.83 -0.54 14.89
CA TRP C 88 -21.68 -1.02 14.12
C TRP C 88 -21.38 -0.05 13.04
N SER C 89 -20.09 0.14 12.76
CA SER C 89 -19.67 0.95 11.65
C SER C 89 -19.84 0.14 10.36
N GLU C 90 -19.63 0.75 9.21
CA GLU C 90 -19.48 0.00 7.99
C GLU C 90 -18.10 -0.70 8.09
N ARG C 91 -17.94 -1.78 7.34
CA ARG C 91 -16.66 -2.50 7.36
C ARG C 91 -15.74 -2.00 6.26
N SER C 92 -14.47 -2.30 6.41
CA SER C 92 -13.49 -2.07 5.37
C SER C 92 -13.68 -3.04 4.21
N LYS C 93 -12.89 -2.80 3.17
CA LYS C 93 -12.66 -3.76 2.13
C LYS C 93 -12.16 -5.07 2.72
N THR C 94 -12.22 -6.11 1.93
CA THR C 94 -11.77 -7.42 2.35
CA THR C 94 -11.76 -7.43 2.36
C THR C 94 -10.42 -7.77 1.72
N LEU C 95 -9.53 -8.36 2.50
CA LEU C 95 -8.26 -8.90 2.00
C LEU C 95 -8.22 -10.41 2.23
N GLU C 96 -7.76 -11.17 1.23
CA GLU C 96 -7.69 -12.62 1.34
C GLU C 96 -6.30 -13.05 1.78
N LEU C 97 -6.24 -14.00 2.71
CA LEU C 97 -4.97 -14.67 3.03
C LEU C 97 -5.08 -16.12 2.62
N LYS C 98 -4.04 -16.60 1.96
CA LYS C 98 -3.93 -18.02 1.64
C LYS C 98 -2.67 -18.56 2.28
N VAL C 99 -2.84 -19.45 3.25
CA VAL C 99 -1.71 -20.07 3.94
C VAL C 99 -1.28 -21.23 3.06
N ILE C 100 -0.01 -21.24 2.69
CA ILE C 100 0.49 -22.23 1.74
C ILE C 100 0.43 -23.61 2.41
N LYS C 101 -0.26 -24.54 1.76
CA LYS C 101 -0.38 -25.91 2.25
C LYS C 101 0.93 -26.65 1.99
N GLU C 102 1.32 -27.47 2.97
CA GLU C 102 2.49 -28.31 2.88
C GLU C 102 2.06 -29.75 3.14
N SER D 6 15.85 -8.84 -1.20
CA SER D 6 15.04 -7.60 -1.39
C SER D 6 15.53 -6.44 -0.52
N LEU D 7 15.37 -5.21 -1.02
CA LEU D 7 15.41 -4.02 -0.17
C LEU D 7 14.36 -4.18 0.92
N PRO D 8 14.55 -3.49 2.06
CA PRO D 8 13.44 -3.37 3.03
C PRO D 8 12.36 -2.45 2.50
N ASP D 9 11.26 -2.33 3.24
CA ASP D 9 10.18 -1.40 2.90
C ASP D 9 9.76 -0.62 4.13
N ILE D 10 9.04 0.45 3.85
CA ILE D 10 8.47 1.30 4.86
C ILE D 10 7.03 1.59 4.46
N THR D 11 6.15 1.57 5.45
CA THR D 11 4.74 1.92 5.28
C THR D 11 4.37 2.85 6.44
N ILE D 12 3.67 3.94 6.17
CA ILE D 12 3.32 4.86 7.24
C ILE D 12 1.84 5.06 7.32
N PHE D 13 1.32 5.06 8.55
CA PHE D 13 -0.07 5.34 8.82
C PHE D 13 -0.21 6.56 9.71
N PRO D 14 -1.28 7.35 9.53
CA PRO D 14 -2.31 7.22 8.51
C PRO D 14 -1.81 7.63 7.15
N ASN D 15 -2.34 7.02 6.10
CA ASN D 15 -1.84 7.28 4.76
C ASN D 15 -2.95 7.71 3.82
N SER D 16 -4.02 8.22 4.40
CA SER D 16 -5.21 8.58 3.64
C SER D 16 -5.23 10.04 3.17
N SER D 17 -4.21 10.82 3.52
CA SER D 17 -4.11 12.21 3.06
C SER D 17 -2.77 12.41 2.40
N LEU D 18 -2.82 12.71 1.10
CA LEU D 18 -1.64 12.79 0.27
CA LEU D 18 -1.63 12.79 0.27
C LEU D 18 -1.36 14.25 -0.11
N MET D 19 -0.08 14.60 -0.09
CA MET D 19 0.41 15.84 -0.62
C MET D 19 0.86 15.60 -2.06
N ILE D 20 0.38 16.46 -2.96
CA ILE D 20 0.71 16.36 -4.39
C ILE D 20 1.23 17.73 -4.86
N SER D 21 2.34 17.74 -5.57
CA SER D 21 2.90 18.98 -6.08
C SER D 21 2.12 19.42 -7.30
N GLN D 22 1.91 20.73 -7.39
CA GLN D 22 1.32 21.29 -8.59
C GLN D 22 2.14 20.84 -9.81
N GLY D 23 1.43 20.48 -10.88
CA GLY D 23 2.06 19.97 -12.10
C GLY D 23 2.15 18.45 -12.21
N THR D 24 1.89 17.77 -11.10
CA THR D 24 1.91 16.29 -11.09
C THR D 24 0.82 15.67 -11.95
N PHE D 25 1.15 14.59 -12.67
CA PHE D 25 0.13 13.80 -13.33
C PHE D 25 -0.23 12.69 -12.35
N VAL D 26 -1.45 12.76 -11.85
CA VAL D 26 -1.96 11.81 -10.85
C VAL D 26 -2.64 10.62 -11.53
N THR D 27 -2.41 9.42 -10.98
CA THR D 27 -3.07 8.20 -11.44
C THR D 27 -3.92 7.69 -10.29
N VAL D 28 -5.22 7.59 -10.49
CA VAL D 28 -6.11 6.97 -9.50
C VAL D 28 -6.42 5.54 -9.98
N VAL D 29 -6.14 4.54 -9.14
CA VAL D 29 -6.51 3.18 -9.43
C VAL D 29 -7.67 2.79 -8.52
N CYS D 30 -8.85 2.64 -9.10
CA CYS D 30 -10.02 2.04 -8.44
C CYS D 30 -9.92 0.52 -8.63
N SER D 31 -10.40 -0.24 -7.66
CA SER D 31 -10.37 -1.69 -7.82
C SER D 31 -11.44 -2.32 -6.96
N TYR D 32 -11.73 -3.57 -7.26
CA TYR D 32 -12.56 -4.36 -6.37
C TYR D 32 -11.98 -5.76 -6.25
N SER D 33 -12.21 -6.40 -5.11
CA SER D 33 -11.48 -7.61 -4.78
C SER D 33 -12.09 -8.89 -5.35
N ASP D 34 -13.41 -8.95 -5.49
CA ASP D 34 -14.05 -10.18 -5.97
C ASP D 34 -14.34 -10.14 -7.47
N LYS D 35 -13.55 -10.87 -8.25
CA LYS D 35 -13.67 -10.88 -9.71
C LYS D 35 -15.01 -11.40 -10.22
N HIS D 36 -15.77 -12.11 -9.38
CA HIS D 36 -17.10 -12.63 -9.77
C HIS D 36 -18.20 -11.60 -9.73
N ASP D 37 -17.91 -10.38 -9.29
CA ASP D 37 -18.94 -9.33 -9.21
C ASP D 37 -19.42 -8.78 -10.57
N LEU D 38 -18.57 -8.78 -11.59
CA LEU D 38 -18.97 -8.25 -12.92
C LEU D 38 -19.62 -6.86 -12.84
N TYR D 39 -18.98 -5.96 -12.10
CA TYR D 39 -19.35 -4.55 -12.08
C TYR D 39 -19.19 -3.93 -13.48
N ASN D 40 -20.15 -3.12 -13.90
CA ASN D 40 -20.16 -2.62 -15.30
C ASN D 40 -19.60 -1.22 -15.47
N MET D 41 -19.73 -0.39 -14.45
CA MET D 41 -19.28 0.98 -14.52
C MET D 41 -18.54 1.36 -13.25
N VAL D 42 -17.62 2.30 -13.39
CA VAL D 42 -16.89 2.84 -12.24
C VAL D 42 -16.95 4.37 -12.26
N ARG D 43 -17.15 4.93 -11.09
CA ARG D 43 -17.20 6.35 -10.90
C ARG D 43 -16.13 6.79 -9.91
N LEU D 44 -15.37 7.81 -10.27
CA LEU D 44 -14.48 8.50 -9.35
C LEU D 44 -15.25 9.69 -8.83
N GLU D 45 -15.53 9.71 -7.54
CA GLU D 45 -16.22 10.85 -6.94
CA GLU D 45 -16.24 10.81 -6.86
C GLU D 45 -15.26 11.79 -6.21
N LYS D 46 -15.56 13.08 -6.30
CA LYS D 46 -14.78 14.11 -5.64
C LYS D 46 -15.72 14.98 -4.84
N ASP D 47 -15.54 15.02 -3.52
CA ASP D 47 -16.30 15.91 -2.65
C ASP D 47 -17.81 15.71 -2.83
N GLY D 48 -18.23 14.44 -2.93
CA GLY D 48 -19.65 14.11 -2.97
C GLY D 48 -20.33 14.30 -4.33
N SER D 49 -19.52 14.43 -5.38
CA SER D 49 -20.03 14.61 -6.73
CA SER D 49 -20.04 14.59 -6.73
C SER D 49 -19.21 13.79 -7.72
N THR D 50 -19.83 13.42 -8.84
CA THR D 50 -19.15 12.68 -9.88
C THR D 50 -18.10 13.54 -10.53
N PHE D 51 -16.88 13.01 -10.54
CA PHE D 51 -15.74 13.70 -11.11
C PHE D 51 -15.41 13.08 -12.48
N MET D 52 -15.27 11.75 -12.52
CA MET D 52 -15.04 11.02 -13.74
C MET D 52 -15.78 9.70 -13.68
N GLU D 53 -16.18 9.18 -14.83
CA GLU D 53 -16.83 7.89 -14.85
C GLU D 53 -16.66 7.23 -16.18
N LYS D 54 -16.57 5.92 -16.15
CA LYS D 54 -16.48 5.16 -17.37
C LYS D 54 -16.85 3.72 -17.14
N SER D 55 -17.03 3.05 -18.27
CA SER D 55 -17.29 1.62 -18.30
CA SER D 55 -17.29 1.62 -18.30
CA SER D 55 -17.30 1.63 -18.26
C SER D 55 -16.07 0.89 -17.76
N THR D 56 -16.31 -0.23 -17.10
CA THR D 56 -15.24 -1.00 -16.52
C THR D 56 -14.47 -1.78 -17.55
N GLU D 57 -13.24 -2.09 -17.18
CA GLU D 57 -12.37 -2.93 -17.97
C GLU D 57 -13.01 -4.29 -18.06
N PRO D 58 -13.17 -4.80 -19.28
CA PRO D 58 -13.87 -6.09 -19.42
C PRO D 58 -13.18 -7.26 -18.69
N TYR D 59 -11.85 -7.24 -18.61
CA TYR D 59 -11.10 -8.40 -18.13
C TYR D 59 -10.29 -8.22 -16.83
N LYS D 60 -10.37 -7.04 -16.21
CA LYS D 60 -9.57 -6.80 -15.01
C LYS D 60 -10.36 -6.08 -13.95
N THR D 61 -9.91 -6.25 -12.72
CA THR D 61 -10.61 -5.76 -11.55
C THR D 61 -10.09 -4.40 -11.10
N GLU D 62 -9.25 -3.78 -11.93
CA GLU D 62 -8.75 -2.43 -11.70
C GLU D 62 -9.15 -1.49 -12.84
N ASP D 63 -9.38 -0.24 -12.46
CA ASP D 63 -9.77 0.80 -13.40
C ASP D 63 -9.00 2.04 -13.09
N GLU D 64 -8.34 2.61 -14.09
CA GLU D 64 -7.50 3.78 -13.90
C GLU D 64 -8.10 5.07 -14.44
N PHE D 65 -7.96 6.14 -13.66
CA PHE D 65 -8.30 7.51 -14.06
C PHE D 65 -7.03 8.35 -14.00
N GLU D 66 -6.69 9.08 -15.07
CA GLU D 66 -5.59 10.02 -15.00
C GLU D 66 -6.12 11.43 -14.79
N ILE D 67 -5.53 12.14 -13.85
CA ILE D 67 -5.90 13.51 -13.56
C ILE D 67 -4.62 14.31 -13.71
N GLY D 68 -4.64 15.35 -14.50
CA GLY D 68 -3.46 16.19 -14.57
C GLY D 68 -3.27 16.95 -15.85
N PRO D 69 -2.30 17.86 -15.88
CA PRO D 69 -1.40 18.18 -14.75
C PRO D 69 -2.13 18.95 -13.63
N VAL D 70 -1.95 18.52 -12.39
CA VAL D 70 -2.81 19.04 -11.34
C VAL D 70 -2.47 20.45 -10.87
N ASN D 71 -3.51 21.16 -10.47
CA ASN D 71 -3.39 22.40 -9.75
C ASN D 71 -4.32 22.40 -8.52
N GLU D 72 -4.48 23.55 -7.87
CA GLU D 72 -5.25 23.66 -6.63
CA GLU D 72 -5.23 23.61 -6.62
C GLU D 72 -6.71 23.23 -6.75
N THR D 73 -7.25 23.25 -7.97
CA THR D 73 -8.64 22.83 -8.20
C THR D 73 -8.82 21.33 -7.96
N ILE D 74 -7.70 20.59 -7.94
CA ILE D 74 -7.74 19.13 -7.74
C ILE D 74 -7.79 18.73 -6.25
N THR D 75 -7.47 19.66 -5.37
CA THR D 75 -7.52 19.43 -3.93
C THR D 75 -8.93 18.96 -3.56
N GLY D 76 -9.03 17.89 -2.78
CA GLY D 76 -10.33 17.44 -2.30
C GLY D 76 -10.30 15.97 -1.89
N HIS D 77 -11.47 15.41 -1.68
CA HIS D 77 -11.65 14.05 -1.17
C HIS D 77 -12.20 13.16 -2.24
N TYR D 78 -11.55 12.03 -2.46
CA TYR D 78 -11.84 11.13 -3.58
C TYR D 78 -12.22 9.74 -3.10
N SER D 79 -13.16 9.11 -3.79
CA SER D 79 -13.50 7.72 -3.57
C SER D 79 -13.97 7.10 -4.88
N CYS D 80 -13.92 5.77 -4.93
CA CYS D 80 -14.36 4.98 -6.09
C CYS D 80 -15.68 4.31 -5.75
N ILE D 81 -16.61 4.32 -6.70
CA ILE D 81 -17.84 3.58 -6.56
C ILE D 81 -18.14 2.80 -7.84
N TYR D 82 -18.66 1.59 -7.68
CA TYR D 82 -18.91 0.70 -8.82
C TYR D 82 -20.40 0.42 -8.92
N SER D 83 -20.86 0.10 -10.12
CA SER D 83 -22.29 -0.21 -10.33
C SER D 83 -22.46 -1.57 -11.00
N LYS D 84 -23.58 -2.23 -10.70
CA LYS D 84 -24.04 -3.44 -11.39
C LYS D 84 -25.38 -3.02 -11.95
N GLY D 85 -25.43 -2.70 -13.24
CA GLY D 85 -26.67 -2.17 -13.80
C GLY D 85 -27.07 -0.93 -13.02
N ILE D 86 -28.31 -0.92 -12.53
CA ILE D 86 -28.88 0.24 -11.85
C ILE D 86 -28.35 0.42 -10.42
N THR D 87 -27.78 -0.65 -9.86
CA THR D 87 -27.36 -0.66 -8.44
C THR D 87 -25.90 -0.28 -8.22
N TRP D 88 -25.67 0.64 -7.27
CA TRP D 88 -24.31 1.09 -6.95
C TRP D 88 -23.78 0.34 -5.78
N SER D 89 -22.48 0.07 -5.81
CA SER D 89 -21.78 -0.48 -4.66
C SER D 89 -21.65 0.57 -3.57
N GLU D 90 -21.24 0.14 -2.39
CA GLU D 90 -20.77 1.05 -1.37
C GLU D 90 -19.50 1.67 -1.95
N ARG D 91 -19.15 2.86 -1.51
CA ARG D 91 -17.95 3.47 -2.02
C ARG D 91 -16.75 2.92 -1.28
N SER D 92 -15.58 3.07 -1.88
CA SER D 92 -14.34 2.76 -1.22
C SER D 92 -14.10 3.75 -0.06
N LYS D 93 -13.03 3.49 0.68
CA LYS D 93 -12.52 4.48 1.61
C LYS D 93 -12.22 5.77 0.84
N THR D 94 -12.14 6.86 1.55
CA THR D 94 -11.88 8.17 0.98
C THR D 94 -10.42 8.52 1.13
N LEU D 95 -9.81 9.04 0.07
CA LEU D 95 -8.48 9.59 0.13
C LEU D 95 -8.54 11.08 -0.11
N GLU D 96 -7.78 11.84 0.67
CA GLU D 96 -7.68 13.29 0.50
C GLU D 96 -6.44 13.64 -0.29
N LEU D 97 -6.58 14.56 -1.24
CA LEU D 97 -5.44 15.10 -1.95
C LEU D 97 -5.38 16.58 -1.65
N LYS D 98 -4.20 17.07 -1.32
CA LYS D 98 -3.93 18.48 -1.15
C LYS D 98 -2.79 18.84 -2.09
N VAL D 99 -3.09 19.70 -3.06
CA VAL D 99 -2.12 20.11 -4.06
C VAL D 99 -1.42 21.35 -3.52
N ILE D 100 -0.08 21.31 -3.47
CA ILE D 100 0.70 22.45 -2.97
C ILE D 100 1.58 23.03 -4.08
N LYS D 101 1.69 24.37 -4.06
CA LYS D 101 2.30 25.14 -5.15
C LYS D 101 3.51 25.92 -4.66
C1 GOL E . 9.91 3.10 19.47
O1 GOL E . 9.64 1.70 19.63
C2 GOL E . 8.61 3.90 19.40
O2 GOL E . 7.50 3.04 19.13
C3 GOL E . 8.33 4.65 20.71
O3 GOL E . 8.29 6.06 20.42
K K F . 11.23 -7.74 12.77
NA NA G . 8.06 12.17 -1.83
C1 GOL H . -0.42 -13.35 18.70
O1 GOL H . -0.01 -14.72 18.61
C2 GOL H . -1.84 -13.29 19.26
O2 GOL H . -2.27 -11.92 19.41
C3 GOL H . -2.85 -14.08 18.42
O3 GOL H . -2.30 -14.78 17.28
C1 GOL I . -7.54 16.90 -16.53
O1 GOL I . -7.18 15.76 -15.73
C2 GOL I . -8.88 17.45 -16.07
O2 GOL I . -9.96 16.60 -16.46
C3 GOL I . -8.90 17.61 -14.55
O3 GOL I . -7.83 18.49 -14.16
NA NA J . -13.06 -3.35 -13.55
#